data_1N8S
#
_entry.id   1N8S
#
_cell.length_a   80.3
_cell.length_b   80.3
_cell.length_c   251.0
_cell.angle_alpha   90.0
_cell.angle_beta   90.0
_cell.angle_gamma   120.0
#
_symmetry.space_group_name_H-M   'P 32 2 1'
#
loop_
_entity.id
_entity.type
_entity.pdbx_description
1 polymer 'Triacylglycerol lipase, pancreatic'
2 polymer 'colipase II'
#
loop_
_entity_poly.entity_id
_entity_poly.type
_entity_poly.pdbx_seq_one_letter_code
_entity_poly.pdbx_strand_id
1 'polypeptide(L)'
;KEVCYERLGCFSDDSPWSGITERPLHILPWSPKDVNTRFLLYTNENPNNFQEVAADSSSISGSNFKTNRKTRFIIHGFID
KGEENWLANVCKNLFKVESVNCICVDWKGGSRTGYTQASQNIRIVGAEVAYFVEFLQSAFGYSPSNVHVIGHSLGAHAAG
EAGRRTNGTIGRITGLDPAEPCFQGTPELVRLDPSDAKFVDVIHTDGAPIVPNLGFGMSQVVGHLDFFPNGGVEMPGCKK
NILSQIVDIDGIWEGTRDFAACNHLRSYKYYTDSIVNPDGFAGFPCASYNVFTANKCFPCPSGGCPQMGHYADRYPGKTN
DVGQKFYLDTGDASNFARWRYKVSVTLSGKKVTGHILVSLFGNKGNSKQYEIFKGTLKPDSTHSNEFDSDVDVGDLQMVK
FIWYNNVINPTLPRVGASKIIVETNVGKQFNFCSPETVREEVLLTLTPC
;
A
2 'polypeptide(L)'
;VPDPRGIIINLDEGELCLNSAQCKSNCCQHDTILSLLRCALKARENSECSAFTLYGVYYKCPCERGLTCEGDKSLVGSIT
NTNFGICHNVGRSDS
;
C
#
# COMPACT_ATOMS: atom_id res chain seq x y z
N LYS A 1 7.47 28.13 -29.89
CA LYS A 1 8.52 29.09 -30.01
C LYS A 1 9.41 28.86 -28.74
N GLU A 2 9.37 29.75 -27.75
CA GLU A 2 10.02 29.84 -26.43
C GLU A 2 9.01 30.69 -25.70
N VAL A 3 9.07 30.99 -24.42
CA VAL A 3 8.10 31.84 -23.79
C VAL A 3 8.83 32.15 -22.51
N CYS A 4 8.85 33.34 -21.97
CA CYS A 4 9.56 33.51 -20.72
C CYS A 4 8.59 34.08 -19.78
N TYR A 5 8.85 33.93 -18.51
CA TYR A 5 7.95 34.33 -17.49
C TYR A 5 8.76 34.95 -16.39
N GLU A 6 8.03 35.79 -15.67
CA GLU A 6 8.58 36.47 -14.52
C GLU A 6 8.92 35.39 -13.49
N ARG A 7 10.19 35.46 -13.13
CA ARG A 7 10.83 34.65 -12.11
C ARG A 7 11.24 33.31 -12.61
N LEU A 8 10.32 32.56 -13.20
CA LEU A 8 10.60 31.20 -13.51
C LEU A 8 11.52 31.03 -14.70
N GLY A 9 11.69 32.04 -15.55
CA GLY A 9 12.61 31.91 -16.65
C GLY A 9 11.83 31.62 -17.88
N CYS A 10 12.52 30.95 -18.76
CA CYS A 10 11.99 30.71 -20.07
C CYS A 10 11.77 29.23 -20.27
N PHE A 11 10.69 28.93 -20.95
CA PHE A 11 10.29 27.59 -21.23
C PHE A 11 10.19 27.40 -22.73
N SER A 12 11.24 26.78 -23.27
CA SER A 12 11.45 26.32 -24.65
C SER A 12 10.30 25.57 -25.34
N ASP A 13 10.48 24.80 -26.41
CA ASP A 13 9.40 24.04 -27.08
C ASP A 13 9.93 22.92 -27.97
N ASP A 14 11.20 22.78 -27.76
CA ASP A 14 12.02 21.89 -28.49
C ASP A 14 11.81 20.44 -28.15
N SER A 15 12.34 19.57 -28.98
CA SER A 15 12.42 18.23 -28.54
C SER A 15 13.59 18.33 -27.54
N PRO A 16 13.44 17.68 -26.34
CA PRO A 16 12.46 16.64 -26.05
C PRO A 16 11.11 17.14 -25.61
N TRP A 17 11.05 18.31 -25.01
CA TRP A 17 9.80 18.88 -24.50
C TRP A 17 8.56 18.69 -25.33
N SER A 18 8.78 18.76 -26.61
CA SER A 18 7.66 18.69 -27.51
C SER A 18 8.25 18.17 -28.79
N GLY A 19 7.35 17.65 -29.63
CA GLY A 19 7.84 17.07 -30.85
C GLY A 19 7.96 15.58 -30.71
N ILE A 20 8.91 14.98 -29.92
CA ILE A 20 9.05 13.51 -29.77
C ILE A 20 7.72 12.74 -29.70
N THR A 21 7.78 11.51 -30.14
CA THR A 21 6.56 10.74 -30.32
C THR A 21 5.60 10.59 -29.17
N GLU A 22 6.13 10.65 -27.97
CA GLU A 22 5.32 10.42 -26.82
C GLU A 22 4.54 11.67 -26.47
N ARG A 23 5.19 12.82 -26.76
CA ARG A 23 4.61 14.15 -26.53
C ARG A 23 4.86 14.87 -27.85
N PRO A 24 4.01 14.69 -28.86
CA PRO A 24 4.29 15.22 -30.17
C PRO A 24 3.89 16.70 -30.33
N LEU A 25 2.57 16.97 -30.17
CA LEU A 25 1.97 18.29 -30.13
C LEU A 25 2.79 19.36 -29.47
N HIS A 26 3.01 20.50 -30.14
CA HIS A 26 3.79 21.51 -29.45
C HIS A 26 2.83 22.35 -28.65
N ILE A 27 2.89 22.16 -27.35
CA ILE A 27 2.10 23.01 -26.48
C ILE A 27 3.19 23.67 -25.63
N LEU A 28 2.98 24.87 -25.08
CA LEU A 28 3.99 25.44 -24.19
C LEU A 28 3.25 25.65 -22.89
N PRO A 29 3.98 25.88 -21.80
CA PRO A 29 3.32 25.94 -20.53
C PRO A 29 2.51 27.18 -20.25
N TRP A 30 1.15 27.26 -20.23
CA TRP A 30 0.49 28.36 -19.49
C TRP A 30 1.44 29.03 -18.60
N SER A 31 1.25 30.22 -18.41
CA SER A 31 2.06 31.07 -17.57
C SER A 31 1.86 30.88 -16.06
N PRO A 32 2.81 31.30 -15.27
CA PRO A 32 2.70 31.20 -13.85
C PRO A 32 1.43 31.83 -13.38
N LYS A 33 0.79 32.94 -13.71
CA LYS A 33 -0.41 33.36 -13.02
C LYS A 33 -1.59 32.54 -13.46
N ASP A 34 -1.41 31.87 -14.58
CA ASP A 34 -2.47 31.01 -15.00
C ASP A 34 -2.38 29.68 -14.29
N VAL A 35 -1.19 29.09 -14.14
CA VAL A 35 -1.00 27.83 -13.42
C VAL A 35 -1.44 27.99 -11.97
N ASN A 36 -0.85 29.00 -11.34
CA ASN A 36 -1.25 29.46 -10.04
C ASN A 36 -0.94 28.53 -8.92
N THR A 37 0.30 28.10 -8.94
CA THR A 37 0.90 27.39 -7.84
C THR A 37 0.73 28.19 -6.55
N ARG A 38 -0.13 27.79 -5.62
CA ARG A 38 -0.21 28.30 -4.26
C ARG A 38 0.66 27.43 -3.34
N PHE A 39 1.38 27.87 -2.33
CA PHE A 39 1.97 26.92 -1.42
C PHE A 39 1.16 26.98 -0.15
N LEU A 40 0.38 25.98 0.21
CA LEU A 40 -0.36 26.04 1.47
C LEU A 40 0.47 25.32 2.55
N LEU A 41 0.86 26.01 3.63
CA LEU A 41 1.71 25.47 4.68
C LEU A 41 0.97 24.98 5.88
N TYR A 42 1.31 23.75 6.24
CA TYR A 42 0.79 23.15 7.46
C TYR A 42 1.98 22.72 8.31
N THR A 43 1.85 22.82 9.63
CA THR A 43 2.92 22.45 10.53
C THR A 43 2.31 21.82 11.76
N ASN A 44 3.18 21.19 12.56
CA ASN A 44 2.79 20.71 13.87
C ASN A 44 1.96 21.74 14.61
N GLU A 45 2.45 23.00 14.58
CA GLU A 45 1.80 24.07 15.27
C GLU A 45 0.56 24.50 14.54
N ASN A 46 0.37 24.37 13.21
CA ASN A 46 -0.98 24.63 12.69
C ASN A 46 -1.28 23.44 11.86
N PRO A 47 -1.89 22.45 12.49
CA PRO A 47 -2.04 21.14 11.93
C PRO A 47 -3.10 21.07 10.90
N ASN A 48 -4.14 21.81 11.17
CA ASN A 48 -5.34 21.63 10.40
C ASN A 48 -5.93 22.85 9.74
N ASN A 49 -5.23 23.98 9.72
CA ASN A 49 -5.71 25.15 9.00
C ASN A 49 -4.46 25.68 8.38
N PHE A 50 -4.38 25.79 7.05
CA PHE A 50 -3.11 26.10 6.41
C PHE A 50 -2.78 27.57 6.49
N GLN A 51 -1.53 27.93 6.23
CA GLN A 51 -1.22 29.32 6.12
C GLN A 51 -0.42 29.47 4.84
N GLU A 52 -0.86 30.32 3.89
CA GLU A 52 -0.23 30.43 2.57
C GLU A 52 1.13 31.11 2.56
N VAL A 53 2.24 30.44 2.35
CA VAL A 53 3.51 31.16 2.34
C VAL A 53 3.90 31.32 0.90
N ALA A 54 5.06 31.93 0.70
CA ALA A 54 5.58 32.14 -0.63
C ALA A 54 7.05 32.47 -0.57
N ALA A 55 7.77 32.27 -1.67
CA ALA A 55 9.19 32.50 -1.74
C ALA A 55 9.82 33.88 -1.41
N ASP A 56 9.39 34.61 -0.36
CA ASP A 56 9.98 35.87 0.04
C ASP A 56 9.85 36.00 1.54
N SER A 57 10.79 36.73 2.12
CA SER A 57 10.86 36.94 3.55
C SER A 57 9.61 37.53 4.15
N SER A 58 8.87 38.47 3.61
CA SER A 58 7.71 38.95 4.34
C SER A 58 6.57 37.95 4.45
N SER A 59 6.76 36.74 3.86
CA SER A 59 5.77 35.67 3.88
C SER A 59 6.28 34.66 4.89
N ILE A 60 7.51 34.18 4.70
CA ILE A 60 8.12 33.21 5.58
C ILE A 60 8.23 33.81 6.95
N SER A 61 8.66 35.04 7.10
CA SER A 61 8.99 35.50 8.42
C SER A 61 8.03 35.44 9.54
N GLY A 62 6.75 35.65 9.47
CA GLY A 62 6.04 35.53 10.74
C GLY A 62 5.51 34.13 11.02
N SER A 63 5.77 33.23 10.09
CA SER A 63 4.96 32.04 10.02
C SER A 63 5.53 30.88 10.78
N ASN A 64 4.71 29.86 10.91
CA ASN A 64 5.21 28.65 11.46
C ASN A 64 6.26 27.99 10.65
N PHE A 65 6.65 28.40 9.44
CA PHE A 65 7.72 27.70 8.73
C PHE A 65 8.98 27.81 9.59
N LYS A 66 9.70 26.73 9.84
CA LYS A 66 10.80 26.77 10.76
C LYS A 66 12.06 26.21 10.14
N THR A 67 13.20 26.85 10.19
CA THR A 67 14.33 26.34 9.45
C THR A 67 15.11 25.22 10.10
N ASN A 68 14.66 24.78 11.28
CA ASN A 68 15.45 23.79 12.01
C ASN A 68 14.82 22.40 11.97
N ARG A 69 13.79 22.26 11.14
CA ARG A 69 13.08 21.02 10.95
C ARG A 69 12.92 20.86 9.46
N LYS A 70 12.61 19.69 8.91
CA LYS A 70 12.60 19.47 7.46
C LYS A 70 11.34 20.02 6.87
N THR A 71 11.42 20.25 5.54
CA THR A 71 10.28 20.70 4.80
C THR A 71 9.97 19.64 3.77
N ARG A 72 8.72 19.23 3.67
CA ARG A 72 8.42 18.31 2.65
C ARG A 72 7.11 18.79 2.06
N PHE A 73 7.15 18.78 0.72
CA PHE A 73 6.12 19.40 -0.10
C PHE A 73 5.32 18.25 -0.71
N ILE A 74 4.04 18.37 -0.83
CA ILE A 74 3.25 17.31 -1.38
C ILE A 74 2.68 17.91 -2.65
N ILE A 75 3.05 17.53 -3.87
CA ILE A 75 2.49 18.07 -5.12
C ILE A 75 1.38 17.19 -5.63
N HIS A 76 0.12 17.61 -5.79
CA HIS A 76 -0.85 16.68 -6.36
C HIS A 76 -0.71 16.43 -7.86
N GLY A 77 -1.65 15.76 -8.49
CA GLY A 77 -1.76 15.47 -9.92
C GLY A 77 -3.25 15.11 -10.01
N PHE A 78 -3.73 13.98 -10.56
CA PHE A 78 -5.15 13.58 -10.56
C PHE A 78 -5.94 13.69 -9.23
N ILE A 79 -6.95 14.49 -9.05
CA ILE A 79 -7.57 14.60 -7.74
C ILE A 79 -8.92 14.02 -7.96
N ASP A 80 -9.19 12.87 -7.36
CA ASP A 80 -10.50 12.33 -7.57
C ASP A 80 -11.54 13.06 -6.74
N LYS A 81 -12.81 12.85 -7.09
CA LYS A 81 -13.96 13.46 -6.45
C LYS A 81 -13.91 13.02 -5.01
N GLY A 82 -14.18 13.83 -4.01
CA GLY A 82 -13.99 13.35 -2.66
C GLY A 82 -12.52 13.44 -2.29
N GLU A 83 -11.52 13.07 -3.10
CA GLU A 83 -10.11 13.09 -2.71
C GLU A 83 -9.37 14.40 -2.46
N GLU A 84 -10.06 15.52 -2.55
CA GLU A 84 -9.51 16.86 -2.31
C GLU A 84 -8.63 16.96 -1.06
N ASN A 85 -9.10 16.37 0.04
CA ASN A 85 -8.39 16.32 1.32
C ASN A 85 -7.06 15.55 1.41
N TRP A 86 -6.79 14.61 0.50
CA TRP A 86 -5.62 13.78 0.58
C TRP A 86 -4.31 14.44 0.84
N LEU A 87 -4.06 15.66 0.41
CA LEU A 87 -2.74 16.24 0.62
C LEU A 87 -2.65 16.62 2.10
N ALA A 88 -3.77 17.05 2.68
CA ALA A 88 -3.77 17.42 4.08
C ALA A 88 -3.51 16.19 4.95
N ASN A 89 -4.14 15.08 4.61
CA ASN A 89 -4.01 13.90 5.44
C ASN A 89 -2.59 13.38 5.53
N VAL A 90 -1.83 13.45 4.44
CA VAL A 90 -0.43 13.15 4.53
C VAL A 90 0.17 14.10 5.55
N CYS A 91 -0.19 15.38 5.61
CA CYS A 91 0.42 16.22 6.64
C CYS A 91 0.06 15.76 8.05
N LYS A 92 -1.24 15.53 8.29
CA LYS A 92 -1.72 15.12 9.59
C LYS A 92 -0.92 13.92 10.12
N ASN A 93 -0.71 12.83 9.37
CA ASN A 93 0.17 11.77 9.85
C ASN A 93 1.60 12.18 10.01
N LEU A 94 2.22 13.10 9.27
CA LEU A 94 3.62 13.42 9.54
C LEU A 94 3.71 13.98 10.92
N PHE A 95 2.65 14.70 11.29
CA PHE A 95 2.66 15.33 12.59
C PHE A 95 2.52 14.31 13.72
N LYS A 96 1.89 13.16 13.47
CA LYS A 96 1.81 12.09 14.47
C LYS A 96 3.18 11.48 14.77
N VAL A 97 4.19 11.63 13.93
CA VAL A 97 5.45 11.00 14.19
C VAL A 97 6.61 12.00 14.05
N GLU A 98 6.44 13.30 13.69
CA GLU A 98 7.58 14.22 13.55
C GLU A 98 7.21 15.68 13.53
N SER A 99 8.21 16.57 13.69
CA SER A 99 8.04 18.02 13.61
C SER A 99 8.30 18.37 12.16
N VAL A 100 7.32 18.83 11.38
CA VAL A 100 7.67 19.10 10.03
C VAL A 100 6.93 20.25 9.40
N ASN A 101 7.63 20.91 8.46
CA ASN A 101 7.04 21.96 7.65
C ASN A 101 6.40 21.15 6.55
N CYS A 102 5.09 21.02 6.54
CA CYS A 102 4.43 20.23 5.53
C CYS A 102 3.72 21.19 4.61
N ILE A 103 4.39 21.48 3.48
CA ILE A 103 3.83 22.42 2.51
C ILE A 103 3.04 21.65 1.47
N CYS A 104 1.70 21.65 1.41
CA CYS A 104 1.04 21.07 0.22
C CYS A 104 1.09 22.05 -0.97
N VAL A 105 1.35 21.66 -2.22
CA VAL A 105 1.46 22.58 -3.33
C VAL A 105 0.19 22.54 -4.09
N ASP A 106 -0.50 23.62 -4.35
CA ASP A 106 -1.78 23.60 -5.07
C ASP A 106 -1.50 24.13 -6.45
N TRP A 107 -2.15 23.63 -7.50
CA TRP A 107 -1.98 24.18 -8.83
C TRP A 107 -3.15 23.69 -9.58
N LYS A 108 -4.31 23.85 -8.97
CA LYS A 108 -5.52 23.32 -9.57
C LYS A 108 -5.70 24.02 -10.90
N GLY A 109 -5.44 25.33 -10.91
CA GLY A 109 -5.59 26.19 -12.06
C GLY A 109 -4.81 25.66 -13.23
N GLY A 110 -3.54 25.32 -13.06
CA GLY A 110 -2.79 24.70 -14.16
C GLY A 110 -3.23 23.27 -14.45
N SER A 111 -3.79 22.53 -13.53
CA SER A 111 -4.10 21.15 -13.76
C SER A 111 -5.47 20.96 -14.33
N ARG A 112 -6.40 21.90 -14.19
CA ARG A 112 -7.75 21.67 -14.70
C ARG A 112 -7.83 22.13 -16.16
N THR A 113 -7.49 21.24 -17.09
CA THR A 113 -7.30 21.53 -18.51
C THR A 113 -7.14 20.19 -19.27
N GLY A 114 -6.68 20.25 -20.49
CA GLY A 114 -6.39 19.03 -21.18
C GLY A 114 -5.15 18.50 -20.51
N TYR A 115 -5.06 17.18 -20.65
CA TYR A 115 -3.95 16.50 -20.03
C TYR A 115 -2.63 17.06 -20.54
N THR A 116 -2.57 17.25 -21.87
CA THR A 116 -1.35 17.72 -22.52
C THR A 116 -0.96 19.11 -22.13
N GLN A 117 -1.98 19.89 -21.75
CA GLN A 117 -1.69 21.24 -21.29
C GLN A 117 -0.99 21.02 -19.98
N ALA A 118 -1.74 20.37 -19.05
CA ALA A 118 -1.22 20.07 -17.72
C ALA A 118 0.19 19.40 -17.80
N SER A 119 0.47 18.41 -18.64
CA SER A 119 1.77 17.81 -18.75
C SER A 119 2.86 18.85 -18.94
N GLN A 120 2.39 19.93 -19.62
CA GLN A 120 3.24 21.05 -19.96
C GLN A 120 3.36 21.99 -18.78
N ASN A 121 2.19 22.39 -18.24
CA ASN A 121 2.14 23.28 -17.09
C ASN A 121 2.89 22.69 -15.89
N ILE A 122 3.12 21.39 -15.86
CA ILE A 122 3.92 20.78 -14.84
C ILE A 122 5.24 21.52 -14.73
N ARG A 123 5.69 22.12 -15.82
CA ARG A 123 6.96 22.77 -15.84
C ARG A 123 6.96 24.02 -14.98
N ILE A 124 5.83 24.66 -14.84
CA ILE A 124 5.84 25.88 -14.09
C ILE A 124 5.87 25.50 -12.62
N VAL A 125 5.06 24.51 -12.17
CA VAL A 125 4.98 24.04 -10.78
C VAL A 125 6.34 23.47 -10.47
N GLY A 126 7.09 22.98 -11.44
CA GLY A 126 8.42 22.49 -11.21
C GLY A 126 9.32 23.64 -10.85
N ALA A 127 9.40 24.68 -11.70
CA ALA A 127 10.27 25.78 -11.38
C ALA A 127 9.73 26.48 -10.15
N GLU A 128 8.42 26.52 -9.92
CA GLU A 128 7.91 27.12 -8.71
C GLU A 128 8.56 26.50 -7.49
N VAL A 129 8.51 25.17 -7.38
CA VAL A 129 9.06 24.52 -6.22
C VAL A 129 10.57 24.80 -6.13
N ALA A 130 11.29 24.73 -7.25
CA ALA A 130 12.72 24.92 -7.20
C ALA A 130 13.05 26.31 -6.77
N TYR A 131 12.19 27.26 -7.14
CA TYR A 131 12.39 28.63 -6.75
C TYR A 131 12.28 28.75 -5.21
N PHE A 132 11.17 28.27 -4.61
CA PHE A 132 11.02 28.25 -3.16
C PHE A 132 12.20 27.52 -2.56
N VAL A 133 12.64 26.39 -3.10
CA VAL A 133 13.74 25.66 -2.49
C VAL A 133 15.06 26.42 -2.53
N GLU A 134 15.31 27.11 -3.62
CA GLU A 134 16.53 27.89 -3.70
C GLU A 134 16.47 29.13 -2.83
N PHE A 135 15.23 29.61 -2.62
CA PHE A 135 14.93 30.77 -1.81
C PHE A 135 15.36 30.52 -0.39
N LEU A 136 14.81 29.51 0.27
CA LEU A 136 15.08 29.23 1.68
C LEU A 136 16.58 29.10 1.85
N GLN A 137 17.21 28.51 0.82
CA GLN A 137 18.63 28.41 0.84
C GLN A 137 19.24 29.77 0.75
N SER A 138 18.96 30.74 -0.12
CA SER A 138 19.73 32.00 -0.05
C SER A 138 19.31 32.90 1.10
N ALA A 139 18.01 33.02 1.19
CA ALA A 139 17.41 33.79 2.24
C ALA A 139 17.87 33.37 3.61
N PHE A 140 17.77 32.06 3.90
CA PHE A 140 17.99 31.53 5.23
C PHE A 140 19.08 30.51 5.41
N GLY A 141 19.80 30.16 4.36
CA GLY A 141 20.84 29.16 4.45
C GLY A 141 20.27 27.74 4.62
N TYR A 142 19.06 27.43 4.15
CA TYR A 142 18.48 26.15 4.43
C TYR A 142 18.77 25.18 3.35
N SER A 143 19.69 24.27 3.61
CA SER A 143 20.04 23.27 2.63
C SER A 143 18.84 22.56 2.09
N PRO A 144 18.88 22.35 0.79
CA PRO A 144 18.02 21.47 0.07
C PRO A 144 18.01 20.06 0.63
N SER A 145 19.11 19.56 1.17
CA SER A 145 19.08 18.26 1.80
C SER A 145 17.93 18.10 2.80
N ASN A 146 17.28 19.17 3.29
CA ASN A 146 16.19 19.00 4.20
C ASN A 146 14.88 19.01 3.46
N VAL A 147 14.94 18.97 2.14
CA VAL A 147 13.69 19.16 1.47
C VAL A 147 13.23 17.81 0.94
N HIS A 148 11.93 17.52 0.95
CA HIS A 148 11.48 16.24 0.42
C HIS A 148 10.28 16.55 -0.46
N VAL A 149 10.28 16.16 -1.74
CA VAL A 149 9.13 16.49 -2.60
C VAL A 149 8.41 15.20 -2.91
N ILE A 150 7.12 15.17 -2.69
CA ILE A 150 6.27 13.98 -2.77
C ILE A 150 5.33 14.41 -3.88
N GLY A 151 5.20 13.71 -5.01
CA GLY A 151 4.23 14.09 -6.01
C GLY A 151 3.55 12.87 -6.61
N HIS A 152 2.24 12.98 -6.88
CA HIS A 152 1.35 11.92 -7.34
C HIS A 152 0.86 12.14 -8.77
N SER A 153 0.68 11.16 -9.67
CA SER A 153 0.33 11.36 -11.10
C SER A 153 1.30 12.40 -11.67
N LEU A 154 0.85 13.40 -12.49
CA LEU A 154 1.70 14.43 -13.08
C LEU A 154 2.67 15.08 -12.09
N GLY A 155 2.16 15.31 -10.87
CA GLY A 155 2.87 15.95 -9.78
C GLY A 155 4.25 15.39 -9.53
N ALA A 156 4.31 14.08 -9.75
CA ALA A 156 5.53 13.34 -9.56
C ALA A 156 6.59 13.99 -10.43
N HIS A 157 6.17 14.16 -11.70
CA HIS A 157 6.99 14.78 -12.72
C HIS A 157 7.15 16.29 -12.50
N ALA A 158 6.23 16.97 -11.79
CA ALA A 158 6.49 18.32 -11.30
C ALA A 158 7.67 18.28 -10.31
N ALA A 159 7.66 17.32 -9.39
CA ALA A 159 8.71 17.29 -8.39
C ALA A 159 10.00 16.97 -9.07
N GLY A 160 9.86 16.16 -10.13
CA GLY A 160 11.00 15.76 -10.94
C GLY A 160 11.69 16.95 -11.61
N GLU A 161 10.84 17.94 -11.99
CA GLU A 161 11.30 19.18 -12.61
C GLU A 161 11.96 20.00 -11.54
N ALA A 162 11.25 20.24 -10.43
CA ALA A 162 11.78 20.97 -9.30
C ALA A 162 13.16 20.49 -8.93
N GLY A 163 13.32 19.19 -8.88
CA GLY A 163 14.59 18.64 -8.46
C GLY A 163 15.67 18.86 -9.49
N ARG A 164 15.19 18.82 -10.73
CA ARG A 164 16.07 18.94 -11.88
C ARG A 164 16.74 20.29 -11.94
N ARG A 165 15.87 21.29 -11.70
CA ARG A 165 16.30 22.67 -11.66
C ARG A 165 17.14 22.85 -10.42
N THR A 166 16.84 22.32 -9.21
CA THR A 166 17.77 22.43 -8.10
C THR A 166 19.02 21.59 -8.30
N ASN A 167 19.15 20.93 -9.46
CA ASN A 167 20.27 20.09 -9.82
C ASN A 167 20.68 19.07 -8.78
N GLY A 168 19.61 18.30 -8.52
CA GLY A 168 19.57 17.13 -7.67
C GLY A 168 20.26 17.29 -6.35
N THR A 169 20.00 18.41 -5.67
CA THR A 169 20.56 18.63 -4.34
C THR A 169 19.48 18.39 -3.29
N ILE A 170 18.23 18.35 -3.79
CA ILE A 170 17.08 17.99 -3.00
C ILE A 170 17.40 16.62 -2.47
N GLY A 171 17.10 16.51 -1.17
CA GLY A 171 17.26 15.28 -0.40
C GLY A 171 16.47 14.13 -1.03
N ARG A 172 15.15 14.21 -1.22
CA ARG A 172 14.47 13.07 -1.75
C ARG A 172 13.28 13.48 -2.62
N ILE A 173 13.02 12.84 -3.75
CA ILE A 173 11.78 13.16 -4.42
C ILE A 173 11.01 11.85 -4.20
N THR A 174 9.70 11.78 -4.15
CA THR A 174 9.05 10.52 -4.01
C THR A 174 7.99 10.64 -5.07
N GLY A 175 8.00 9.68 -5.98
CA GLY A 175 6.99 9.72 -7.00
C GLY A 175 5.89 8.81 -6.56
N LEU A 176 4.69 9.22 -6.47
CA LEU A 176 3.69 8.29 -6.12
C LEU A 176 2.87 8.19 -7.37
N ASP A 177 3.35 7.24 -8.13
CA ASP A 177 2.67 6.75 -9.33
C ASP A 177 2.65 7.71 -10.52
N PRO A 178 3.91 7.99 -10.92
CA PRO A 178 4.24 8.90 -12.00
C PRO A 178 3.36 8.63 -13.20
N ALA A 179 2.56 9.60 -13.66
CA ALA A 179 1.67 9.36 -14.78
C ALA A 179 2.54 8.95 -15.97
N GLU A 180 1.88 8.07 -16.72
CA GLU A 180 2.48 7.49 -17.90
C GLU A 180 2.44 8.33 -19.16
N PRO A 181 1.23 8.73 -19.67
CA PRO A 181 1.15 9.49 -20.90
C PRO A 181 2.03 10.77 -20.84
N CYS A 182 2.80 10.90 -21.91
CA CYS A 182 3.76 11.95 -22.24
C CYS A 182 5.05 11.78 -21.46
N PHE A 183 5.16 10.79 -20.54
CA PHE A 183 6.42 10.65 -19.83
C PHE A 183 7.17 9.34 -19.95
N GLN A 184 6.53 8.21 -20.32
CA GLN A 184 7.24 6.94 -20.29
C GLN A 184 8.20 6.80 -21.42
N GLY A 185 9.45 6.49 -21.13
CA GLY A 185 10.46 6.33 -22.16
C GLY A 185 10.85 7.68 -22.78
N THR A 186 10.24 8.79 -22.31
CA THR A 186 10.61 10.11 -22.74
C THR A 186 11.93 10.39 -22.03
N PRO A 187 12.83 11.23 -22.46
CA PRO A 187 14.16 11.36 -21.83
C PRO A 187 14.11 11.87 -20.39
N GLU A 188 15.19 11.71 -19.62
CA GLU A 188 15.22 12.12 -18.23
C GLU A 188 14.84 13.54 -17.82
N LEU A 189 15.13 14.45 -18.76
CA LEU A 189 14.82 15.88 -18.71
C LEU A 189 13.33 16.11 -18.52
N VAL A 190 12.61 15.45 -19.41
CA VAL A 190 11.19 15.59 -19.43
C VAL A 190 10.45 14.90 -18.26
N ARG A 191 11.14 13.96 -17.54
CA ARG A 191 10.51 13.11 -16.50
C ARG A 191 11.30 12.82 -15.21
N LEU A 192 10.61 12.09 -14.29
CA LEU A 192 11.18 11.90 -12.95
C LEU A 192 12.20 10.83 -13.13
N ASP A 193 13.37 10.96 -12.58
CA ASP A 193 14.35 9.94 -12.83
C ASP A 193 15.34 10.08 -11.66
N PRO A 194 16.21 9.10 -11.40
CA PRO A 194 17.05 9.03 -10.24
C PRO A 194 17.89 10.23 -9.99
N SER A 195 18.14 11.02 -11.03
CA SER A 195 19.01 12.16 -10.81
C SER A 195 18.25 13.38 -10.37
N ASP A 196 16.98 13.33 -10.01
CA ASP A 196 16.36 14.58 -9.66
C ASP A 196 16.52 14.93 -8.22
N ALA A 197 17.15 14.05 -7.45
CA ALA A 197 17.41 14.33 -6.06
C ALA A 197 18.49 13.35 -5.68
N LYS A 198 18.97 13.53 -4.45
CA LYS A 198 19.97 12.65 -3.87
C LYS A 198 19.31 11.30 -3.74
N PHE A 199 18.04 11.17 -3.37
CA PHE A 199 17.43 9.88 -3.37
C PHE A 199 15.99 9.96 -3.92
N VAL A 200 15.60 9.04 -4.77
CA VAL A 200 14.30 9.11 -5.39
C VAL A 200 13.81 7.69 -5.17
N ASP A 201 12.57 7.53 -4.72
CA ASP A 201 11.95 6.27 -4.44
C ASP A 201 10.53 6.40 -4.93
N VAL A 202 10.05 5.44 -5.66
CA VAL A 202 8.78 5.57 -6.35
C VAL A 202 7.87 4.42 -5.90
N ILE A 203 6.55 4.55 -5.89
CA ILE A 203 5.66 3.47 -5.54
C ILE A 203 4.83 3.21 -6.77
N HIS A 204 5.12 2.20 -7.61
CA HIS A 204 4.24 1.96 -8.75
C HIS A 204 2.99 1.29 -8.25
N THR A 205 1.80 1.59 -8.72
CA THR A 205 0.64 0.88 -8.29
C THR A 205 -0.22 0.73 -9.53
N ASP A 206 -0.59 1.77 -10.28
CA ASP A 206 -1.40 1.50 -11.45
C ASP A 206 -0.59 1.26 -12.74
N GLY A 207 0.54 0.53 -12.77
CA GLY A 207 1.47 0.40 -13.91
C GLY A 207 0.98 -0.40 -15.12
N ALA A 208 -0.31 -0.65 -15.26
CA ALA A 208 -0.82 -1.31 -16.43
C ALA A 208 -0.50 -0.37 -17.63
N PRO A 209 -0.62 -0.75 -18.92
CA PRO A 209 -0.53 0.22 -19.99
C PRO A 209 -1.80 1.05 -19.97
N ILE A 210 -1.63 2.36 -20.28
CA ILE A 210 -2.75 3.28 -20.36
C ILE A 210 -3.64 2.93 -21.51
N VAL A 211 -3.09 2.54 -22.65
CA VAL A 211 -3.99 2.09 -23.68
C VAL A 211 -3.34 0.77 -24.10
N PRO A 212 -4.10 -0.35 -24.09
CA PRO A 212 -5.56 -0.38 -24.04
C PRO A 212 -6.29 -0.46 -22.71
N ASN A 213 -5.51 -0.42 -21.65
CA ASN A 213 -5.99 -0.76 -20.32
C ASN A 213 -6.11 0.31 -19.27
N LEU A 214 -5.99 1.60 -19.55
CA LEU A 214 -6.06 2.67 -18.54
C LEU A 214 -5.16 2.57 -17.31
N GLY A 215 -3.96 2.13 -17.67
CA GLY A 215 -2.87 2.03 -16.76
C GLY A 215 -2.13 3.33 -16.65
N PHE A 216 -2.82 4.19 -15.87
CA PHE A 216 -2.35 5.55 -15.70
C PHE A 216 -0.95 5.66 -15.16
N GLY A 217 -0.48 4.74 -14.36
CA GLY A 217 0.83 4.93 -13.79
C GLY A 217 1.86 4.43 -14.79
N MET A 218 3.05 4.95 -14.60
CA MET A 218 4.20 4.49 -15.33
C MET A 218 4.52 3.18 -14.63
N SER A 219 5.16 2.43 -15.50
CA SER A 219 5.56 1.07 -15.23
C SER A 219 7.07 1.04 -15.24
N GLN A 220 7.70 1.94 -15.96
CA GLN A 220 9.12 1.94 -16.14
C GLN A 220 9.75 2.24 -14.81
N VAL A 221 10.93 1.74 -14.60
CA VAL A 221 11.51 2.01 -13.33
C VAL A 221 12.13 3.38 -13.50
N VAL A 222 11.82 4.30 -12.57
CA VAL A 222 12.36 5.66 -12.51
C VAL A 222 13.00 6.05 -11.18
N GLY A 223 13.31 5.20 -10.20
CA GLY A 223 13.83 5.68 -8.91
C GLY A 223 15.13 4.99 -8.60
N HIS A 224 15.74 5.10 -7.42
CA HIS A 224 16.84 4.18 -7.12
C HIS A 224 16.17 2.93 -6.50
N LEU A 225 14.97 3.12 -5.96
CA LEU A 225 14.20 2.07 -5.40
C LEU A 225 12.84 2.11 -6.07
N ASP A 226 12.29 1.08 -6.73
CA ASP A 226 10.93 1.21 -7.22
C ASP A 226 10.08 0.14 -6.58
N PHE A 227 9.21 0.44 -5.65
CA PHE A 227 8.44 -0.57 -4.96
C PHE A 227 7.29 -0.99 -5.82
N PHE A 228 6.96 -2.24 -6.13
CA PHE A 228 5.71 -2.54 -6.86
C PHE A 228 4.71 -3.32 -5.98
N PRO A 229 3.99 -2.65 -5.09
CA PRO A 229 2.97 -3.25 -4.26
C PRO A 229 2.05 -4.05 -5.08
N ASN A 230 1.74 -5.23 -4.58
CA ASN A 230 0.76 -6.15 -5.17
C ASN A 230 0.99 -6.34 -6.64
N GLY A 231 2.28 -6.22 -6.99
CA GLY A 231 2.79 -6.38 -8.33
C GLY A 231 2.56 -5.24 -9.28
N GLY A 232 2.64 -4.04 -8.74
CA GLY A 232 2.48 -2.77 -9.46
C GLY A 232 1.40 -2.59 -10.52
N VAL A 233 0.25 -3.29 -10.56
CA VAL A 233 -0.69 -3.16 -11.65
C VAL A 233 -2.10 -3.30 -11.11
N GLU A 234 -2.58 -4.29 -10.35
CA GLU A 234 -3.94 -4.21 -9.83
C GLU A 234 -3.86 -4.22 -8.30
N MET A 235 -4.57 -3.40 -7.57
CA MET A 235 -4.44 -3.35 -6.15
C MET A 235 -5.70 -4.00 -5.63
N PRO A 236 -5.59 -4.77 -4.57
CA PRO A 236 -6.72 -5.33 -3.84
C PRO A 236 -7.52 -4.21 -3.32
N GLY A 237 -8.79 -4.25 -3.68
CA GLY A 237 -9.73 -3.24 -3.24
C GLY A 237 -10.19 -2.47 -4.45
N CYS A 238 -9.34 -2.38 -5.44
CA CYS A 238 -9.63 -1.60 -6.61
C CYS A 238 -10.30 -2.24 -7.82
N LYS A 239 -11.47 -1.70 -8.17
CA LYS A 239 -12.24 -2.10 -9.35
C LYS A 239 -11.34 -1.82 -10.54
N LYS A 240 -11.41 -2.65 -11.58
CA LYS A 240 -10.56 -2.46 -12.73
C LYS A 240 -11.40 -1.76 -13.82
N ASN A 241 -10.76 -0.98 -14.67
CA ASN A 241 -11.43 -0.18 -15.69
C ASN A 241 -11.47 -1.12 -16.85
N ILE A 242 -12.54 -0.95 -17.61
CA ILE A 242 -12.72 -1.80 -18.78
C ILE A 242 -11.86 -1.39 -19.96
N LEU A 243 -11.44 -2.35 -20.75
CA LEU A 243 -10.64 -2.11 -21.91
C LEU A 243 -11.14 -1.06 -22.91
N SER A 244 -10.19 -0.47 -23.69
CA SER A 244 -10.50 0.35 -24.87
C SER A 244 -9.21 0.54 -25.66
N GLN A 245 -9.17 0.31 -26.98
CA GLN A 245 -7.93 0.56 -27.73
C GLN A 245 -7.82 2.07 -28.09
N ILE A 246 -8.85 2.85 -27.74
CA ILE A 246 -8.83 4.28 -27.97
C ILE A 246 -9.24 4.90 -26.66
N VAL A 247 -8.22 5.42 -26.02
CA VAL A 247 -8.52 5.99 -24.74
C VAL A 247 -8.45 7.49 -24.86
N ASP A 248 -9.46 8.13 -24.26
CA ASP A 248 -9.55 9.58 -24.22
C ASP A 248 -8.76 10.10 -23.02
N ILE A 249 -7.45 10.38 -23.09
CA ILE A 249 -6.75 10.81 -21.88
C ILE A 249 -7.28 12.14 -21.38
N ASP A 250 -7.48 13.18 -22.21
CA ASP A 250 -8.08 14.44 -21.77
C ASP A 250 -9.40 14.18 -21.07
N GLY A 251 -10.23 13.29 -21.57
CA GLY A 251 -11.52 13.00 -20.98
C GLY A 251 -11.41 12.37 -19.61
N ILE A 252 -10.41 11.48 -19.42
CA ILE A 252 -10.07 10.78 -18.17
C ILE A 252 -9.65 11.88 -17.20
N TRP A 253 -8.75 12.74 -17.71
CA TRP A 253 -8.14 13.83 -16.97
C TRP A 253 -9.14 14.90 -16.56
N GLU A 254 -9.95 15.54 -17.42
CA GLU A 254 -10.93 16.51 -16.94
C GLU A 254 -12.08 15.82 -16.22
N GLY A 255 -12.36 14.56 -16.55
CA GLY A 255 -13.44 13.84 -15.89
C GLY A 255 -14.74 13.80 -16.70
N THR A 256 -14.60 13.76 -18.02
CA THR A 256 -15.72 13.61 -18.93
C THR A 256 -16.00 12.13 -19.17
N ARG A 257 -14.92 11.35 -19.11
CA ARG A 257 -15.09 9.94 -19.31
C ARG A 257 -15.27 9.30 -17.92
N ASP A 258 -15.18 7.98 -17.76
CA ASP A 258 -15.31 7.36 -16.45
C ASP A 258 -13.91 6.89 -16.09
N PHE A 259 -13.59 6.73 -14.80
CA PHE A 259 -12.27 6.27 -14.44
C PHE A 259 -12.28 5.84 -13.02
N ALA A 260 -11.81 4.60 -12.89
CA ALA A 260 -11.53 3.90 -11.64
C ALA A 260 -10.08 4.31 -11.51
N ALA A 261 -10.07 5.31 -10.65
CA ALA A 261 -8.88 5.98 -10.30
C ALA A 261 -8.20 5.29 -9.15
N CYS A 262 -8.88 4.24 -8.64
CA CYS A 262 -8.49 3.56 -7.41
C CYS A 262 -7.08 3.09 -7.47
N ASN A 263 -6.71 2.42 -8.54
CA ASN A 263 -5.38 1.88 -8.59
C ASN A 263 -4.39 3.01 -8.55
N HIS A 264 -4.61 4.11 -9.26
CA HIS A 264 -3.69 5.22 -9.23
C HIS A 264 -3.74 5.92 -7.83
N LEU A 265 -4.89 6.16 -7.18
CA LEU A 265 -4.89 6.82 -5.87
C LEU A 265 -4.24 6.01 -4.74
N ARG A 266 -4.24 4.71 -4.83
CA ARG A 266 -3.60 3.84 -3.87
C ARG A 266 -2.17 4.23 -3.58
N SER A 267 -1.24 4.59 -4.46
CA SER A 267 0.07 4.99 -3.93
C SER A 267 0.01 6.07 -2.88
N TYR A 268 -0.90 7.08 -2.83
CA TYR A 268 -0.75 7.96 -1.68
C TYR A 268 -1.48 7.35 -0.49
N LYS A 269 -2.47 6.45 -0.70
CA LYS A 269 -3.04 5.79 0.46
C LYS A 269 -2.01 4.85 1.11
N TYR A 270 -1.19 4.12 0.36
CA TYR A 270 -0.14 3.34 0.92
C TYR A 270 0.81 4.28 1.60
N TYR A 271 1.33 5.36 0.97
CA TYR A 271 2.28 6.28 1.60
C TYR A 271 1.68 6.80 2.91
N THR A 272 0.41 7.19 2.97
CA THR A 272 -0.11 7.73 4.20
C THR A 272 -0.06 6.72 5.33
N ASP A 273 -0.49 5.49 5.08
CA ASP A 273 -0.46 4.44 6.09
C ASP A 273 0.95 4.10 6.51
N SER A 274 1.86 4.13 5.58
CA SER A 274 3.25 3.92 5.80
C SER A 274 3.76 4.86 6.90
N ILE A 275 3.27 6.10 6.99
CA ILE A 275 3.87 7.01 7.97
C ILE A 275 3.66 6.52 9.38
N VAL A 276 2.48 5.92 9.59
CA VAL A 276 2.21 5.42 10.92
C VAL A 276 2.30 3.90 11.01
N ASN A 277 3.10 3.20 10.20
CA ASN A 277 3.29 1.78 10.31
C ASN A 277 4.73 1.49 9.87
N PRO A 278 5.78 1.74 10.65
CA PRO A 278 7.11 1.79 10.07
C PRO A 278 7.98 0.61 9.70
N ASP A 279 7.36 -0.57 9.90
CA ASP A 279 7.86 -1.87 9.44
C ASP A 279 6.79 -2.55 8.64
N GLY A 280 5.60 -2.02 8.68
CA GLY A 280 4.49 -2.64 8.03
C GLY A 280 4.55 -2.75 6.51
N PHE A 281 5.46 -2.16 5.70
CA PHE A 281 5.44 -2.43 4.26
C PHE A 281 6.89 -2.74 3.95
N ALA A 282 7.36 -3.97 3.95
CA ALA A 282 8.77 -4.24 3.70
C ALA A 282 8.78 -4.76 2.31
N GLY A 283 9.76 -4.25 1.56
CA GLY A 283 9.81 -4.59 0.16
C GLY A 283 10.91 -5.59 0.02
N PHE A 284 10.57 -6.69 -0.64
CA PHE A 284 11.49 -7.76 -0.83
C PHE A 284 11.98 -7.55 -2.21
N PRO A 285 13.26 -7.62 -2.34
CA PRO A 285 13.95 -7.63 -3.61
C PRO A 285 13.55 -8.81 -4.47
N CYS A 286 12.44 -8.88 -5.16
CA CYS A 286 12.34 -10.07 -6.01
C CYS A 286 12.79 -9.66 -7.42
N ALA A 287 12.50 -10.46 -8.43
CA ALA A 287 12.81 -10.02 -9.75
C ALA A 287 11.51 -9.98 -10.52
N SER A 288 10.39 -10.13 -9.85
CA SER A 288 9.07 -10.05 -10.48
C SER A 288 8.13 -10.52 -9.42
N TYR A 289 6.88 -10.06 -9.54
CA TYR A 289 5.88 -10.38 -8.54
C TYR A 289 5.49 -11.84 -8.62
N ASN A 290 5.53 -12.38 -9.83
CA ASN A 290 5.36 -13.82 -10.04
C ASN A 290 6.47 -14.58 -9.31
N VAL A 291 7.80 -14.45 -9.53
CA VAL A 291 8.82 -15.13 -8.71
C VAL A 291 8.43 -14.95 -7.25
N PHE A 292 8.09 -13.72 -6.87
CA PHE A 292 7.78 -13.40 -5.50
C PHE A 292 6.62 -14.20 -4.98
N THR A 293 5.52 -14.25 -5.69
CA THR A 293 4.40 -14.96 -5.14
C THR A 293 4.71 -16.46 -5.09
N ALA A 294 5.73 -16.91 -5.85
CA ALA A 294 6.11 -18.31 -5.87
C ALA A 294 7.28 -18.53 -4.93
N ASN A 295 6.93 -18.05 -3.75
CA ASN A 295 7.72 -18.04 -2.58
C ASN A 295 9.21 -18.16 -2.76
N LYS A 296 9.83 -17.36 -3.62
CA LYS A 296 11.24 -17.54 -3.84
C LYS A 296 12.09 -16.37 -3.41
N CYS A 297 11.59 -15.20 -3.03
CA CYS A 297 12.43 -14.11 -2.54
C CYS A 297 11.72 -14.03 -1.23
N PHE A 298 12.48 -14.26 -0.17
CA PHE A 298 12.07 -14.28 1.26
C PHE A 298 13.23 -14.94 2.01
N PRO A 299 13.66 -14.51 3.18
CA PRO A 299 13.46 -13.19 3.75
C PRO A 299 14.20 -12.03 3.08
N CYS A 300 14.20 -10.92 3.81
CA CYS A 300 14.99 -9.77 3.45
C CYS A 300 16.42 -10.25 3.44
N PRO A 301 17.25 -9.72 2.52
CA PRO A 301 18.70 -9.79 2.58
C PRO A 301 19.34 -9.22 3.80
N SER A 302 20.61 -9.56 3.76
CA SER A 302 21.52 -9.35 4.86
C SER A 302 21.33 -8.02 5.59
N GLY A 303 21.20 -6.97 4.77
CA GLY A 303 20.98 -5.61 5.21
C GLY A 303 19.63 -5.22 4.61
N GLY A 304 18.67 -5.52 5.50
CA GLY A 304 17.24 -5.34 5.35
C GLY A 304 16.57 -5.55 3.98
N CYS A 305 15.27 -5.36 4.22
CA CYS A 305 14.28 -5.09 3.20
C CYS A 305 14.18 -3.57 3.19
N PRO A 306 13.79 -2.76 2.21
CA PRO A 306 13.52 -1.34 2.41
C PRO A 306 12.06 -1.23 2.78
N GLN A 307 11.71 -0.29 3.65
CA GLN A 307 10.31 -0.05 3.87
C GLN A 307 9.62 0.66 2.66
N MET A 308 8.58 0.22 2.00
CA MET A 308 8.01 1.05 0.94
C MET A 308 7.36 2.32 1.57
N GLY A 309 7.55 3.50 0.91
CA GLY A 309 6.95 4.75 1.31
C GLY A 309 7.82 5.58 2.28
N HIS A 310 7.10 6.13 3.24
CA HIS A 310 7.67 7.08 4.14
C HIS A 310 8.98 6.81 4.80
N TYR A 311 9.23 5.54 5.12
CA TYR A 311 10.44 5.26 5.87
C TYR A 311 11.59 4.79 5.01
N ALA A 312 11.42 4.72 3.64
CA ALA A 312 12.47 4.23 2.76
C ALA A 312 13.79 4.99 2.87
N ASP A 313 13.85 6.19 3.44
CA ASP A 313 15.11 6.86 3.61
C ASP A 313 15.99 6.09 4.56
N ARG A 314 15.41 5.27 5.42
CA ARG A 314 16.23 4.59 6.39
C ARG A 314 16.96 3.32 5.88
N TYR A 315 16.52 2.79 4.72
CA TYR A 315 17.14 1.63 4.14
C TYR A 315 18.60 1.93 3.86
N PRO A 316 19.59 1.29 4.44
CA PRO A 316 20.98 1.65 4.27
C PRO A 316 21.51 1.49 2.84
N GLY A 317 21.00 0.75 1.86
CA GLY A 317 21.69 0.76 0.56
C GLY A 317 20.87 1.46 -0.51
N LYS A 318 20.07 2.48 -0.16
CA LYS A 318 19.06 2.98 -1.08
C LYS A 318 19.58 3.57 -2.34
N THR A 319 20.80 4.09 -2.33
CA THR A 319 21.33 4.62 -3.55
C THR A 319 22.43 3.78 -4.14
N ASN A 320 22.50 2.48 -3.87
CA ASN A 320 23.63 1.73 -4.42
C ASN A 320 23.44 1.39 -5.88
N ASP A 321 22.20 1.48 -6.35
CA ASP A 321 21.96 1.41 -7.76
C ASP A 321 20.65 2.11 -8.03
N VAL A 322 20.47 2.28 -9.31
CA VAL A 322 19.27 2.91 -9.76
C VAL A 322 18.36 1.79 -10.12
N GLY A 323 17.09 2.04 -9.92
CA GLY A 323 16.09 1.14 -10.42
C GLY A 323 15.89 -0.23 -9.81
N GLN A 324 16.43 -0.39 -8.60
CA GLN A 324 16.32 -1.57 -7.80
C GLN A 324 14.81 -1.83 -7.57
N LYS A 325 14.20 -2.91 -8.08
CA LYS A 325 12.79 -3.23 -7.81
C LYS A 325 12.59 -3.96 -6.49
N PHE A 326 11.43 -3.90 -5.84
CA PHE A 326 11.17 -4.57 -4.57
C PHE A 326 9.70 -4.88 -4.69
N TYR A 327 9.23 -6.01 -4.15
CA TYR A 327 7.83 -6.39 -4.26
C TYR A 327 7.34 -6.60 -2.87
N LEU A 328 6.03 -6.50 -2.76
CA LEU A 328 5.40 -6.69 -1.49
C LEU A 328 3.91 -6.79 -1.66
N ASP A 329 3.15 -7.21 -0.63
CA ASP A 329 1.68 -7.29 -0.73
C ASP A 329 1.12 -6.44 0.38
N THR A 330 -0.07 -5.91 0.21
CA THR A 330 -0.56 -4.98 1.18
C THR A 330 -1.93 -5.48 1.44
N GLY A 331 -2.68 -4.70 2.17
CA GLY A 331 -4.03 -5.06 2.46
C GLY A 331 -4.82 -4.58 1.29
N ASP A 332 -6.09 -4.56 1.58
CA ASP A 332 -7.04 -4.13 0.62
C ASP A 332 -7.77 -2.97 1.19
N ALA A 333 -7.34 -2.37 2.30
CA ALA A 333 -8.03 -1.23 2.87
C ALA A 333 -7.38 -0.88 4.17
N SER A 334 -8.00 0.14 4.78
CA SER A 334 -7.86 0.47 6.19
C SER A 334 -6.46 0.64 6.67
N ASN A 335 -5.90 -0.34 7.43
CA ASN A 335 -4.47 -0.27 7.71
C ASN A 335 -4.02 -1.19 6.58
N PHE A 336 -3.07 -0.64 5.87
CA PHE A 336 -2.75 -1.29 4.66
C PHE A 336 -1.68 -2.28 4.94
N ALA A 337 -1.13 -2.27 6.14
CA ALA A 337 0.06 -3.07 6.36
C ALA A 337 -0.19 -4.57 6.51
N ARG A 338 1.00 -5.15 6.32
CA ARG A 338 1.19 -6.55 6.30
C ARG A 338 2.60 -6.96 6.66
N TRP A 339 2.70 -8.06 7.38
CA TRP A 339 3.95 -8.68 7.75
C TRP A 339 3.96 -10.09 7.16
N ARG A 340 5.05 -10.47 6.46
CA ARG A 340 5.15 -11.77 5.77
C ARG A 340 6.04 -12.72 6.55
N TYR A 341 5.48 -13.92 6.57
CA TYR A 341 6.04 -15.01 7.35
C TYR A 341 6.14 -16.20 6.43
N LYS A 342 7.24 -16.96 6.58
CA LYS A 342 7.41 -18.24 5.89
C LYS A 342 7.22 -19.33 6.97
N VAL A 343 6.27 -20.29 6.95
CA VAL A 343 6.32 -21.33 7.95
C VAL A 343 6.46 -22.68 7.32
N SER A 344 7.45 -23.48 7.71
CA SER A 344 7.46 -24.88 7.29
C SER A 344 6.82 -25.84 8.34
N VAL A 345 6.11 -26.90 7.92
CA VAL A 345 5.42 -27.85 8.78
C VAL A 345 5.90 -29.25 8.46
N THR A 346 6.44 -30.07 9.36
CA THR A 346 6.67 -31.49 9.11
C THR A 346 5.57 -32.36 9.69
N LEU A 347 4.99 -33.15 8.85
CA LEU A 347 3.91 -34.00 9.30
C LEU A 347 4.23 -35.26 10.18
N SER A 348 3.41 -35.58 11.17
CA SER A 348 3.52 -36.79 11.96
C SER A 348 2.07 -37.28 11.95
N GLY A 349 1.84 -38.59 12.01
CA GLY A 349 0.49 -39.08 12.10
C GLY A 349 0.16 -39.94 10.92
N LYS A 350 -1.08 -39.94 10.47
CA LYS A 350 -1.46 -40.83 9.40
C LYS A 350 -1.31 -40.22 8.06
N LYS A 351 -1.41 -40.95 6.98
CA LYS A 351 -1.43 -40.36 5.65
C LYS A 351 -2.89 -40.08 5.50
N VAL A 352 -3.23 -38.83 5.26
CA VAL A 352 -4.61 -38.50 4.99
C VAL A 352 -4.63 -37.45 3.93
N THR A 353 -5.79 -37.16 3.40
CA THR A 353 -5.95 -36.02 2.52
C THR A 353 -6.55 -34.82 3.31
N GLY A 354 -5.98 -33.61 3.32
CA GLY A 354 -6.63 -32.53 4.03
C GLY A 354 -5.83 -31.24 3.92
N HIS A 355 -6.29 -30.29 4.70
CA HIS A 355 -5.69 -29.00 4.66
C HIS A 355 -4.86 -28.88 5.89
N ILE A 356 -3.60 -28.49 5.90
CA ILE A 356 -2.98 -28.22 7.19
C ILE A 356 -2.99 -26.73 7.38
N LEU A 357 -3.20 -26.11 8.53
CA LEU A 357 -3.23 -24.66 8.69
C LEU A 357 -2.38 -24.35 9.88
N VAL A 358 -1.69 -23.25 9.98
CA VAL A 358 -0.97 -23.02 11.17
C VAL A 358 -1.40 -21.64 11.64
N SER A 359 -1.12 -21.27 12.91
CA SER A 359 -1.48 -19.95 13.40
C SER A 359 -0.48 -19.51 14.45
N LEU A 360 0.12 -18.31 14.35
CA LEU A 360 1.21 -17.88 15.24
C LEU A 360 0.77 -17.01 16.44
N PHE A 361 1.53 -16.99 17.53
CA PHE A 361 1.15 -16.36 18.80
C PHE A 361 2.51 -15.87 19.26
N GLY A 362 2.55 -14.61 19.67
CA GLY A 362 3.80 -14.00 20.00
C GLY A 362 3.55 -12.96 21.04
N ASN A 363 4.60 -12.27 21.50
CA ASN A 363 4.39 -11.34 22.59
C ASN A 363 3.40 -10.26 22.29
N LYS A 364 3.28 -9.79 21.05
CA LYS A 364 2.25 -8.82 20.79
C LYS A 364 1.01 -9.29 20.06
N GLY A 365 0.71 -10.55 19.85
CA GLY A 365 -0.64 -10.91 19.41
C GLY A 365 -0.72 -12.24 18.68
N ASN A 366 -1.82 -12.60 18.02
CA ASN A 366 -1.82 -13.83 17.26
C ASN A 366 -2.54 -13.68 15.93
N SER A 367 -2.06 -14.39 14.96
CA SER A 367 -2.60 -14.31 13.63
C SER A 367 -3.87 -15.07 13.59
N LYS A 368 -4.41 -15.28 12.45
CA LYS A 368 -5.54 -16.14 12.30
C LYS A 368 -4.91 -17.37 11.65
N GLN A 369 -5.79 -18.26 11.13
CA GLN A 369 -5.29 -19.53 10.64
C GLN A 369 -4.87 -19.42 9.19
N TYR A 370 -3.62 -19.55 8.81
CA TYR A 370 -3.32 -19.45 7.40
C TYR A 370 -3.07 -20.83 6.87
N GLU A 371 -3.76 -21.28 5.82
CA GLU A 371 -3.51 -22.58 5.17
C GLU A 371 -2.08 -22.71 4.69
N ILE A 372 -1.48 -23.87 4.95
CA ILE A 372 -0.15 -24.13 4.46
C ILE A 372 -0.23 -25.14 3.36
N PHE A 373 -1.18 -26.04 3.19
CA PHE A 373 -1.09 -27.01 2.11
C PHE A 373 -2.40 -27.75 2.08
N LYS A 374 -2.68 -28.30 0.94
CA LYS A 374 -3.94 -28.95 0.71
C LYS A 374 -3.58 -30.22 -0.04
N GLY A 375 -4.32 -31.30 0.18
CA GLY A 375 -4.08 -32.52 -0.56
C GLY A 375 -3.48 -33.60 0.32
N THR A 376 -2.53 -34.40 -0.22
CA THR A 376 -2.06 -35.54 0.54
C THR A 376 -1.02 -35.19 1.56
N LEU A 377 -1.56 -35.35 2.76
CA LEU A 377 -0.83 -35.19 4.00
C LEU A 377 -0.14 -36.48 4.36
N LYS A 378 1.09 -36.53 3.91
CA LYS A 378 1.95 -37.69 4.03
C LYS A 378 2.87 -37.51 5.25
N PRO A 379 2.92 -38.43 6.19
CA PRO A 379 3.77 -38.33 7.37
C PRO A 379 5.20 -38.19 6.96
N ASP A 380 5.90 -37.41 7.78
CA ASP A 380 7.28 -37.03 7.59
C ASP A 380 7.59 -36.18 6.36
N SER A 381 6.54 -35.71 5.66
CA SER A 381 6.76 -34.78 4.58
C SER A 381 6.64 -33.38 5.20
N THR A 382 7.50 -32.48 4.69
CA THR A 382 7.51 -31.04 5.01
C THR A 382 6.67 -30.16 4.05
N HIS A 383 6.14 -29.02 4.45
CA HIS A 383 5.48 -28.13 3.53
C HIS A 383 5.78 -26.74 4.01
N SER A 384 5.82 -25.78 3.07
CA SER A 384 6.17 -24.41 3.42
C SER A 384 5.20 -23.47 2.77
N ASN A 385 5.04 -22.31 3.35
CA ASN A 385 4.21 -21.28 2.77
C ASN A 385 4.64 -19.96 3.29
N GLU A 386 4.42 -18.94 2.47
CA GLU A 386 4.75 -17.59 2.89
C GLU A 386 3.42 -16.96 2.98
N PHE A 387 3.12 -16.17 3.96
CA PHE A 387 1.82 -15.58 3.92
C PHE A 387 1.98 -14.20 4.55
N ASP A 388 0.92 -13.40 4.30
CA ASP A 388 0.90 -12.01 4.73
C ASP A 388 -0.14 -11.83 5.83
N SER A 389 0.53 -11.79 6.95
CA SER A 389 -0.15 -11.64 8.20
C SER A 389 -0.48 -10.20 8.27
N ASP A 390 -1.78 -10.08 8.46
CA ASP A 390 -2.21 -8.79 8.83
C ASP A 390 -1.76 -8.45 10.23
N VAL A 391 -1.09 -9.28 11.05
CA VAL A 391 -0.62 -8.91 12.40
C VAL A 391 0.82 -9.21 12.53
N ASP A 392 1.56 -8.26 13.08
CA ASP A 392 2.94 -8.52 13.43
C ASP A 392 2.74 -9.23 14.76
N VAL A 393 3.24 -10.44 14.98
CA VAL A 393 2.95 -11.05 16.27
C VAL A 393 3.96 -10.72 17.37
N GLY A 394 5.11 -10.21 16.97
CA GLY A 394 6.19 -9.92 17.86
C GLY A 394 7.07 -11.13 17.79
N ASP A 395 7.76 -11.51 18.86
CA ASP A 395 8.55 -12.74 18.86
C ASP A 395 7.52 -13.79 19.21
N LEU A 396 7.60 -14.91 18.49
CA LEU A 396 6.67 -16.02 18.60
C LEU A 396 6.86 -16.72 19.90
N GLN A 397 5.77 -17.21 20.44
CA GLN A 397 5.88 -17.90 21.70
C GLN A 397 5.39 -19.29 21.35
N MET A 398 4.20 -19.53 20.87
CA MET A 398 3.87 -20.87 20.48
C MET A 398 3.24 -20.76 19.11
N VAL A 399 2.90 -21.86 18.49
CA VAL A 399 2.28 -21.93 17.18
C VAL A 399 1.09 -22.89 17.37
N LYS A 400 0.08 -23.07 16.51
CA LYS A 400 -0.92 -24.10 16.70
C LYS A 400 -1.08 -24.75 15.35
N PHE A 401 -1.39 -26.02 15.27
CA PHE A 401 -1.49 -26.73 14.02
C PHE A 401 -2.94 -27.23 13.96
N ILE A 402 -3.57 -27.45 12.81
CA ILE A 402 -4.93 -27.91 12.71
C ILE A 402 -5.13 -28.44 11.27
N TRP A 403 -5.98 -29.44 11.01
CA TRP A 403 -6.13 -29.99 9.68
C TRP A 403 -7.59 -30.36 9.50
N TYR A 404 -8.12 -30.63 8.32
CA TYR A 404 -9.52 -31.02 8.17
C TYR A 404 -9.66 -31.42 6.70
N ASN A 405 -10.77 -32.02 6.31
CA ASN A 405 -11.02 -32.33 4.91
C ASN A 405 -12.52 -32.47 4.77
N ASN A 406 -13.09 -32.44 3.56
CA ASN A 406 -14.53 -32.54 3.48
C ASN A 406 -14.95 -33.90 2.93
N VAL A 407 -14.65 -34.88 3.78
CA VAL A 407 -15.03 -36.27 3.56
C VAL A 407 -15.20 -36.85 4.93
N ILE A 408 -16.21 -37.66 5.23
CA ILE A 408 -16.36 -38.22 6.57
C ILE A 408 -15.18 -39.17 6.72
N ASN A 409 -14.47 -39.05 7.82
CA ASN A 409 -13.26 -39.84 7.99
C ASN A 409 -13.37 -41.04 8.90
N PRO A 410 -13.56 -42.25 8.33
CA PRO A 410 -14.05 -43.44 9.03
C PRO A 410 -13.13 -43.94 10.15
N THR A 411 -11.86 -44.02 9.81
CA THR A 411 -10.76 -44.36 10.68
C THR A 411 -10.71 -43.50 11.94
N LEU A 412 -11.21 -42.26 11.79
CA LEU A 412 -11.02 -41.19 12.74
C LEU A 412 -9.47 -41.00 12.78
N PRO A 413 -8.79 -40.65 11.66
CA PRO A 413 -7.34 -40.59 11.53
C PRO A 413 -6.78 -39.53 12.44
N ARG A 414 -5.48 -39.51 12.69
CA ARG A 414 -4.87 -38.47 13.50
C ARG A 414 -3.51 -38.00 12.97
N VAL A 415 -3.45 -36.73 12.57
CA VAL A 415 -2.25 -36.14 12.00
C VAL A 415 -1.81 -35.14 13.04
N GLY A 416 -0.57 -34.72 13.07
CA GLY A 416 -0.11 -33.69 13.98
C GLY A 416 1.08 -33.13 13.28
N ALA A 417 2.02 -32.52 13.99
CA ALA A 417 3.16 -31.96 13.31
C ALA A 417 4.40 -32.01 14.14
N SER A 418 5.40 -32.65 13.58
CA SER A 418 6.64 -32.91 14.28
C SER A 418 7.35 -31.60 14.60
N LYS A 419 7.73 -30.81 13.59
CA LYS A 419 8.22 -29.50 13.92
C LYS A 419 7.60 -28.57 12.90
N ILE A 420 7.47 -27.34 13.37
CA ILE A 420 6.91 -26.25 12.61
C ILE A 420 7.93 -25.14 12.84
N ILE A 421 8.48 -24.58 11.75
CA ILE A 421 9.48 -23.51 11.85
C ILE A 421 8.94 -22.22 11.24
N VAL A 422 9.00 -21.12 11.96
CA VAL A 422 8.50 -19.85 11.49
C VAL A 422 9.74 -19.00 11.22
N GLU A 423 9.87 -18.45 9.99
CA GLU A 423 10.96 -17.57 9.61
C GLU A 423 10.33 -16.19 9.40
N THR A 424 10.77 -15.25 10.23
CA THR A 424 10.27 -13.90 10.11
C THR A 424 10.84 -13.26 8.81
N ASN A 425 10.32 -12.11 8.36
CA ASN A 425 10.86 -11.51 7.16
C ASN A 425 12.27 -10.98 7.29
N VAL A 426 12.66 -10.59 8.50
CA VAL A 426 14.04 -10.26 8.78
C VAL A 426 14.77 -11.58 8.68
N GLY A 427 14.16 -12.70 9.04
CA GLY A 427 14.83 -13.98 8.82
C GLY A 427 15.11 -14.80 10.04
N LYS A 428 14.71 -14.37 11.25
CA LYS A 428 14.85 -15.16 12.45
C LYS A 428 14.00 -16.40 12.26
N GLN A 429 14.54 -17.58 12.62
CA GLN A 429 13.80 -18.84 12.53
C GLN A 429 13.51 -19.28 13.93
N PHE A 430 12.27 -19.65 14.13
CA PHE A 430 11.80 -20.01 15.43
C PHE A 430 11.33 -21.45 15.21
N ASN A 431 11.58 -22.39 16.13
CA ASN A 431 11.29 -23.82 15.97
C ASN A 431 10.25 -24.35 16.94
N PHE A 432 9.35 -25.23 16.53
CA PHE A 432 8.30 -25.63 17.44
C PHE A 432 8.14 -27.09 17.22
N CYS A 433 8.02 -27.85 18.30
CA CYS A 433 7.93 -29.29 18.19
C CYS A 433 6.78 -29.96 18.94
N SER A 434 6.25 -31.06 18.38
CA SER A 434 5.30 -31.93 19.04
C SER A 434 5.31 -33.42 18.61
N PRO A 435 5.37 -34.26 19.67
CA PRO A 435 5.15 -35.68 19.55
C PRO A 435 3.67 -35.94 19.42
N GLU A 436 2.75 -35.02 19.72
CA GLU A 436 1.36 -35.38 19.61
C GLU A 436 0.85 -35.51 18.20
N THR A 437 -0.31 -36.15 18.04
CA THR A 437 -1.03 -36.03 16.81
C THR A 437 -2.40 -35.63 17.38
N VAL A 438 -3.35 -35.25 16.51
CA VAL A 438 -4.67 -34.78 16.88
C VAL A 438 -5.63 -35.14 15.79
N ARG A 439 -6.85 -35.10 16.25
CA ARG A 439 -7.93 -35.57 15.45
C ARG A 439 -8.24 -34.38 14.55
N GLU A 440 -8.85 -34.68 13.40
CA GLU A 440 -9.40 -33.64 12.57
C GLU A 440 -10.15 -32.61 13.42
N GLU A 441 -9.78 -31.36 13.14
CA GLU A 441 -10.26 -30.07 13.66
C GLU A 441 -10.09 -29.78 15.13
N VAL A 442 -8.92 -30.17 15.63
CA VAL A 442 -8.54 -29.93 17.03
C VAL A 442 -7.21 -29.18 16.99
N LEU A 443 -7.05 -28.24 17.88
CA LEU A 443 -5.89 -27.43 17.77
C LEU A 443 -4.70 -27.95 18.53
N LEU A 444 -3.76 -28.44 17.78
CA LEU A 444 -2.57 -28.95 18.38
C LEU A 444 -1.55 -27.86 18.74
N THR A 445 -1.50 -27.27 19.93
CA THR A 445 -0.42 -26.33 20.25
C THR A 445 0.98 -26.89 20.11
N LEU A 446 1.91 -26.39 19.30
CA LEU A 446 3.30 -26.83 19.42
C LEU A 446 4.02 -25.90 20.36
N THR A 447 5.28 -26.07 20.75
CA THR A 447 5.98 -25.18 21.69
C THR A 447 7.47 -25.27 21.43
N PRO A 448 8.37 -24.41 21.92
CA PRO A 448 9.69 -24.31 21.38
C PRO A 448 10.55 -25.54 21.61
N CYS A 449 11.37 -25.90 20.65
CA CYS A 449 12.35 -26.95 20.81
C CYS A 449 13.52 -26.37 20.01
N GLY B 6 -31.66 -20.80 -8.52
CA GLY B 6 -30.64 -21.84 -8.36
C GLY B 6 -30.07 -21.65 -6.96
N ILE B 7 -29.01 -22.37 -6.54
CA ILE B 7 -28.46 -22.08 -5.24
C ILE B 7 -27.19 -21.32 -5.55
N ILE B 8 -26.71 -20.47 -4.65
CA ILE B 8 -25.51 -19.73 -4.98
C ILE B 8 -24.44 -20.30 -4.11
N ILE B 9 -23.20 -20.49 -4.55
CA ILE B 9 -22.20 -21.13 -3.68
C ILE B 9 -20.94 -20.31 -3.79
N ASN B 10 -19.93 -20.65 -3.01
CA ASN B 10 -18.60 -20.08 -3.10
C ASN B 10 -18.31 -18.59 -3.13
N LEU B 11 -19.19 -17.68 -2.67
CA LEU B 11 -18.91 -16.25 -2.69
C LEU B 11 -17.76 -15.87 -1.81
N ASP B 12 -16.85 -15.03 -2.33
CA ASP B 12 -15.65 -14.62 -1.61
C ASP B 12 -15.82 -13.51 -0.58
N GLU B 13 -14.73 -13.21 0.13
CA GLU B 13 -14.71 -12.22 1.19
C GLU B 13 -15.20 -10.90 0.59
N GLY B 14 -16.31 -10.41 1.09
CA GLY B 14 -16.75 -9.12 0.66
C GLY B 14 -17.93 -9.24 -0.28
N GLU B 15 -18.12 -10.33 -0.99
CA GLU B 15 -19.24 -10.41 -1.88
C GLU B 15 -20.51 -10.30 -1.07
N LEU B 16 -21.55 -9.72 -1.61
CA LEU B 16 -22.83 -9.62 -0.90
C LEU B 16 -23.45 -11.00 -0.80
N CYS B 17 -24.13 -11.30 0.28
CA CYS B 17 -24.58 -12.65 0.48
C CYS B 17 -25.88 -12.70 1.21
N LEU B 18 -26.44 -13.84 1.49
CA LEU B 18 -27.78 -13.88 2.04
C LEU B 18 -28.07 -14.92 3.12
N ASN B 19 -27.00 -15.63 3.34
CA ASN B 19 -26.91 -16.60 4.38
C ASN B 19 -25.47 -16.99 4.26
N SER B 20 -25.00 -17.61 5.30
CA SER B 20 -23.62 -17.98 5.33
C SER B 20 -23.26 -19.13 4.39
N ALA B 21 -24.18 -20.01 3.94
CA ALA B 21 -23.81 -21.13 3.07
C ALA B 21 -23.10 -20.66 1.82
N GLN B 22 -23.61 -19.49 1.35
CA GLN B 22 -23.10 -18.78 0.20
C GLN B 22 -21.65 -18.40 0.26
N CYS B 23 -21.18 -18.21 1.46
CA CYS B 23 -19.82 -17.78 1.56
C CYS B 23 -18.76 -18.86 1.71
N LYS B 24 -17.63 -18.81 1.00
CA LYS B 24 -16.54 -19.75 1.25
C LYS B 24 -16.15 -19.86 2.73
N SER B 25 -16.52 -19.00 3.66
CA SER B 25 -16.14 -19.19 5.05
C SER B 25 -17.46 -18.80 5.62
N ASN B 26 -18.32 -19.78 5.71
CA ASN B 26 -19.70 -19.48 5.95
C ASN B 26 -19.95 -18.70 7.18
N CYS B 27 -19.90 -17.42 6.87
CA CYS B 27 -20.14 -16.26 7.70
C CYS B 27 -20.42 -15.16 6.70
N CYS B 28 -21.71 -14.81 6.68
CA CYS B 28 -22.33 -13.75 5.91
C CYS B 28 -22.65 -12.80 7.03
N GLN B 29 -21.83 -11.76 7.18
CA GLN B 29 -21.91 -10.83 8.28
C GLN B 29 -22.49 -9.47 7.91
N HIS B 30 -22.98 -8.69 8.86
CA HIS B 30 -23.41 -7.30 8.69
C HIS B 30 -23.57 -6.78 10.09
N ASP B 31 -22.68 -5.90 10.42
CA ASP B 31 -22.88 -5.14 11.65
C ASP B 31 -24.09 -4.26 11.38
N THR B 32 -24.97 -4.11 12.37
CA THR B 32 -26.25 -3.39 12.32
C THR B 32 -27.20 -4.24 11.52
N ILE B 33 -28.39 -4.13 12.06
CA ILE B 33 -29.52 -4.81 11.49
C ILE B 33 -29.77 -4.28 10.10
N LEU B 34 -29.59 -2.98 9.89
CA LEU B 34 -29.95 -2.46 8.60
C LEU B 34 -28.91 -2.66 7.51
N SER B 35 -27.69 -3.14 7.82
CA SER B 35 -26.67 -3.22 6.77
C SER B 35 -26.67 -4.34 5.75
N LEU B 36 -25.97 -3.99 4.66
CA LEU B 36 -25.89 -4.87 3.54
C LEU B 36 -24.75 -5.83 3.78
N LEU B 37 -25.35 -6.94 4.18
CA LEU B 37 -24.73 -8.19 4.52
C LEU B 37 -23.84 -8.77 3.45
N ARG B 38 -22.57 -9.04 3.79
CA ARG B 38 -21.58 -9.55 2.86
C ARG B 38 -20.70 -10.65 3.48
N CYS B 39 -20.06 -11.55 2.74
CA CYS B 39 -19.17 -12.58 3.29
C CYS B 39 -18.01 -12.05 4.08
N ALA B 40 -17.87 -12.48 5.32
CA ALA B 40 -16.75 -12.06 6.17
C ALA B 40 -15.87 -13.22 6.54
N LEU B 41 -14.64 -12.93 6.92
CA LEU B 41 -13.82 -13.97 7.47
C LEU B 41 -14.33 -14.44 8.85
N LYS B 42 -14.07 -15.71 9.21
CA LYS B 42 -14.38 -16.24 10.55
C LYS B 42 -13.35 -15.70 11.54
N ALA B 43 -13.86 -15.60 12.77
CA ALA B 43 -13.15 -14.99 13.89
C ALA B 43 -11.81 -15.51 14.33
N ARG B 44 -10.78 -14.78 14.65
CA ARG B 44 -9.56 -15.43 15.01
C ARG B 44 -9.63 -15.76 16.45
N GLU B 45 -8.59 -16.49 16.85
CA GLU B 45 -8.61 -16.90 18.23
C GLU B 45 -8.37 -15.67 19.05
N ASN B 46 -9.27 -15.48 20.00
CA ASN B 46 -9.27 -14.41 20.96
C ASN B 46 -9.97 -13.18 20.46
N SER B 47 -10.56 -13.14 19.28
CA SER B 47 -11.27 -11.95 18.94
C SER B 47 -12.69 -12.27 19.32
N GLU B 48 -13.53 -11.30 19.08
CA GLU B 48 -14.93 -11.50 19.39
C GLU B 48 -15.47 -12.43 18.35
N CYS B 49 -16.58 -13.02 18.69
CA CYS B 49 -17.27 -13.97 17.86
C CYS B 49 -18.76 -13.75 18.05
N SER B 50 -19.50 -14.54 17.30
CA SER B 50 -20.90 -14.72 17.51
C SER B 50 -20.96 -16.20 17.66
N ALA B 51 -21.85 -16.65 18.53
CA ALA B 51 -22.17 -18.07 18.65
C ALA B 51 -22.84 -18.41 17.34
N PHE B 52 -22.89 -19.70 17.10
CA PHE B 52 -23.50 -20.23 15.91
C PHE B 52 -24.98 -19.87 15.93
N THR B 53 -25.49 -19.40 14.79
CA THR B 53 -26.86 -18.98 14.73
C THR B 53 -27.62 -19.89 13.81
N LEU B 54 -28.91 -19.56 13.79
CA LEU B 54 -29.79 -20.09 12.79
C LEU B 54 -29.91 -19.13 11.69
N TYR B 55 -29.97 -17.82 11.89
CA TYR B 55 -30.39 -17.01 10.75
C TYR B 55 -29.42 -16.75 9.62
N GLY B 56 -28.30 -17.50 9.65
CA GLY B 56 -27.32 -17.53 8.61
C GLY B 56 -26.66 -16.21 8.33
N VAL B 57 -26.95 -15.13 9.05
CA VAL B 57 -26.32 -13.85 8.83
C VAL B 57 -25.93 -13.45 10.22
N TYR B 58 -24.71 -13.07 10.41
CA TYR B 58 -24.23 -12.90 11.76
C TYR B 58 -23.98 -11.44 12.00
N TYR B 59 -23.79 -10.97 13.25
CA TYR B 59 -23.32 -9.60 13.38
C TYR B 59 -21.83 -9.63 13.50
N LYS B 60 -21.41 -10.74 14.12
CA LYS B 60 -20.00 -10.99 14.40
C LYS B 60 -19.83 -12.39 13.83
N CYS B 61 -18.70 -12.71 13.15
CA CYS B 61 -18.54 -14.04 12.64
C CYS B 61 -18.36 -15.13 13.70
N PRO B 62 -18.80 -16.34 13.39
CA PRO B 62 -18.45 -17.50 14.16
C PRO B 62 -16.96 -17.72 14.04
N CYS B 63 -16.37 -18.48 15.00
CA CYS B 63 -14.90 -18.63 15.10
C CYS B 63 -14.26 -19.57 14.08
N GLU B 64 -12.99 -19.33 13.77
CA GLU B 64 -12.39 -20.21 12.82
C GLU B 64 -12.15 -21.55 13.43
N ARG B 65 -11.70 -22.54 12.69
CA ARG B 65 -11.65 -23.91 13.13
C ARG B 65 -11.13 -24.34 14.48
N GLY B 66 -11.96 -25.05 15.22
CA GLY B 66 -11.49 -25.63 16.45
C GLY B 66 -11.37 -24.65 17.61
N LEU B 67 -11.80 -23.39 17.48
CA LEU B 67 -11.88 -22.56 18.68
C LEU B 67 -13.34 -22.64 19.10
N THR B 68 -13.61 -22.48 20.36
CA THR B 68 -14.95 -22.41 20.90
C THR B 68 -15.28 -20.95 21.15
N CYS B 69 -16.46 -20.39 20.81
CA CYS B 69 -16.64 -19.01 21.20
C CYS B 69 -17.50 -18.95 22.41
N GLU B 70 -16.72 -18.89 23.47
CA GLU B 70 -17.33 -18.97 24.76
C GLU B 70 -17.65 -17.58 25.21
N GLY B 71 -18.95 -17.39 25.18
CA GLY B 71 -19.56 -16.18 25.62
C GLY B 71 -20.82 -16.67 26.28
N ASP B 72 -21.96 -16.03 26.05
CA ASP B 72 -23.16 -16.43 26.76
C ASP B 72 -24.20 -16.67 25.71
N LYS B 73 -24.43 -17.97 25.62
CA LYS B 73 -25.51 -18.50 24.80
C LYS B 73 -26.53 -18.33 25.88
N SER B 74 -27.18 -17.19 25.83
CA SER B 74 -28.16 -16.94 26.83
C SER B 74 -29.56 -17.30 26.30
N LEU B 75 -30.58 -16.90 27.04
CA LEU B 75 -31.95 -17.25 26.77
C LEU B 75 -32.39 -16.75 25.41
N VAL B 76 -33.65 -16.98 25.16
CA VAL B 76 -34.33 -16.34 24.06
C VAL B 76 -34.09 -14.83 24.15
N GLY B 77 -34.27 -14.06 23.08
CA GLY B 77 -33.83 -12.67 23.11
C GLY B 77 -32.39 -12.88 22.68
N SER B 78 -31.56 -13.24 23.65
CA SER B 78 -30.14 -13.43 23.41
C SER B 78 -29.85 -14.33 22.23
N ILE B 79 -30.48 -15.46 22.32
CA ILE B 79 -30.30 -16.46 21.34
C ILE B 79 -31.27 -16.10 20.23
N THR B 80 -32.36 -15.34 20.39
CA THR B 80 -33.09 -15.03 19.18
C THR B 80 -32.36 -13.85 18.51
N ASN B 81 -31.06 -13.50 18.75
CA ASN B 81 -30.34 -12.41 18.05
C ASN B 81 -28.84 -12.19 18.35
N THR B 82 -28.45 -12.02 19.60
CA THR B 82 -27.14 -11.49 19.95
C THR B 82 -26.03 -12.28 20.65
N ASN B 83 -26.16 -13.56 21.03
CA ASN B 83 -25.12 -14.29 21.78
C ASN B 83 -23.65 -14.08 21.36
N PHE B 84 -22.84 -13.18 21.91
CA PHE B 84 -21.48 -13.12 21.41
C PHE B 84 -20.55 -13.84 22.36
N GLY B 85 -19.24 -13.67 22.14
CA GLY B 85 -18.25 -14.33 22.95
C GLY B 85 -16.84 -14.05 22.47
N ILE B 86 -15.85 -14.86 22.86
CA ILE B 86 -14.48 -14.66 22.43
C ILE B 86 -14.01 -16.04 22.00
N CYS B 87 -13.44 -16.25 20.81
CA CYS B 87 -12.89 -17.55 20.41
C CYS B 87 -11.77 -17.95 21.34
N HIS B 88 -11.92 -19.10 21.97
CA HIS B 88 -10.90 -19.63 22.84
C HIS B 88 -10.72 -21.05 22.43
N ASN B 89 -9.50 -21.48 22.62
CA ASN B 89 -9.11 -22.82 22.21
C ASN B 89 -9.70 -23.77 23.22
N VAL B 90 -10.77 -24.46 22.83
CA VAL B 90 -11.44 -25.49 23.65
C VAL B 90 -12.27 -24.92 24.76
#